data_7YX0
#
_entry.id   7YX0
#
_cell.length_a   36.255
_cell.length_b   42.438
_cell.length_c   51.744
_cell.angle_alpha   95.269
_cell.angle_beta   95.707
_cell.angle_gamma   109.017
#
_symmetry.space_group_name_H-M   'P 1'
#
loop_
_entity.id
_entity.type
_entity.pdbx_description
1 polymer 'Putative regulatory protein'
2 non-polymer 'FLAVIN MONONUCLEOTIDE'
3 non-polymer 'Flavin mononucleotide (semi-quinone intermediate)'
4 non-polymer 'ACETATE ION'
5 non-polymer 'SODIUM ION'
6 water water
#
_entity_poly.entity_id   1
_entity_poly.type   'polypeptide(L)'
_entity_poly.pdbx_seq_one_letter_code
;MGSSHHHHHHSSGLVPRGSHMINAKLMQLVINASNDGIVVAEREGKDKPLIYVNPAFERLTGYTLDEILYQDCRFLQSGD
RDQPALMAIRETLESGGACREILRNYRKDGSHFWNELSLSTVYNEADKQTYFVGVQKDVTLQVKAQQRVGQLEAELNQVK
AELAALKATSGFNKI
;
_entity_poly.pdbx_strand_id   A,C
#
# COMPACT_ATOMS: atom_id res chain seq x y z
N SER A 3 23.40 -16.18 21.62
CA SER A 3 24.66 -15.77 21.02
C SER A 3 24.43 -14.86 19.81
N SER A 4 25.40 -14.03 19.48
CA SER A 4 25.24 -13.08 18.39
C SER A 4 26.60 -12.62 17.92
N HIS A 5 26.63 -11.99 16.75
CA HIS A 5 27.85 -11.45 16.15
C HIS A 5 27.59 -10.05 15.59
N HIS A 6 26.98 -9.19 16.41
CA HIS A 6 26.66 -7.83 15.98
C HIS A 6 27.93 -6.98 15.82
N HIS A 7 27.89 -6.07 14.84
CA HIS A 7 28.95 -5.08 14.71
C HIS A 7 28.71 -3.94 15.70
N HIS A 8 29.79 -3.40 16.24
CA HIS A 8 29.69 -2.43 17.33
C HIS A 8 29.99 -1.04 16.79
N HIS A 9 29.09 -0.58 15.92
CA HIS A 9 29.13 0.73 15.32
C HIS A 9 28.00 1.60 15.85
N HIS A 10 28.29 2.90 15.98
CA HIS A 10 27.24 3.88 16.18
C HIS A 10 26.54 4.17 14.86
N SER A 11 25.23 4.45 14.95
CA SER A 11 24.42 4.78 13.78
C SER A 11 23.93 6.20 13.93
N SER A 12 24.15 7.02 12.90
CA SER A 12 23.80 8.43 12.93
C SER A 12 22.47 8.68 12.23
N GLY A 13 21.82 9.77 12.65
CA GLY A 13 20.63 10.26 12.00
C GLY A 13 20.84 11.65 11.41
N LEU A 14 22.10 12.11 11.43
CA LEU A 14 22.40 13.43 10.89
C LEU A 14 22.42 13.43 9.36
N VAL A 15 22.65 12.29 8.75
CA VAL A 15 22.77 12.16 7.29
C VAL A 15 21.51 11.48 6.78
N PRO A 16 20.81 12.06 5.81
CA PRO A 16 19.54 11.47 5.36
C PRO A 16 19.72 10.03 4.90
N ARG A 17 18.79 9.19 5.32
CA ARG A 17 18.86 7.79 4.93
C ARG A 17 18.81 7.65 3.42
N GLY A 18 19.63 6.75 2.90
CA GLY A 18 19.65 6.51 1.47
C GLY A 18 20.30 7.61 0.68
N SER A 19 21.26 8.34 1.28
CA SER A 19 21.88 9.43 0.56
C SER A 19 22.60 8.98 -0.71
N HIS A 20 23.06 7.72 -0.78
CA HIS A 20 23.62 7.25 -2.04
C HIS A 20 22.59 7.27 -3.16
N MET A 21 21.30 7.10 -2.84
CA MET A 21 20.25 7.17 -3.86
CA MET A 21 20.31 7.16 -3.91
C MET A 21 20.15 8.57 -4.46
N ILE A 22 20.46 9.59 -3.66
CA ILE A 22 20.42 10.96 -4.17
C ILE A 22 21.54 11.16 -5.19
N ASN A 23 22.75 10.77 -4.82
CA ASN A 23 23.89 11.01 -5.69
CA ASN A 23 23.90 10.99 -5.68
C ASN A 23 23.77 10.25 -7.00
N ALA A 24 23.20 9.05 -6.97
CA ALA A 24 23.03 8.24 -8.17
C ALA A 24 21.70 8.47 -8.88
N LYS A 25 20.85 9.39 -8.38
CA LYS A 25 19.52 9.68 -8.95
C LYS A 25 18.64 8.43 -9.02
N LEU A 26 18.94 7.45 -8.18
CA LEU A 26 18.24 6.18 -8.23
C LEU A 26 16.81 6.28 -7.71
N MET A 27 16.53 7.16 -6.75
CA MET A 27 15.19 7.18 -6.20
C MET A 27 14.19 7.71 -7.23
N GLN A 28 14.57 8.76 -7.96
CA GLN A 28 13.69 9.26 -9.01
C GLN A 28 13.37 8.16 -10.01
N LEU A 29 14.40 7.42 -10.44
CA LEU A 29 14.21 6.34 -11.41
C LEU A 29 13.19 5.31 -10.93
N VAL A 30 13.36 4.81 -9.69
CA VAL A 30 12.53 3.70 -9.26
C VAL A 30 11.14 4.16 -8.86
N ILE A 31 11.00 5.35 -8.28
CA ILE A 31 9.66 5.81 -7.95
C ILE A 31 8.85 6.05 -9.23
N ASN A 32 9.51 6.54 -10.29
CA ASN A 32 8.83 6.69 -11.58
C ASN A 32 8.34 5.34 -12.12
N ALA A 33 8.98 4.24 -11.73
CA ALA A 33 8.67 2.92 -12.24
C ALA A 33 7.73 2.12 -11.34
N SER A 34 7.39 2.65 -10.17
CA SER A 34 6.57 1.89 -9.21
C SER A 34 5.20 1.51 -9.79
N ASN A 35 4.74 0.33 -9.36
CA ASN A 35 3.44 -0.22 -9.67
C ASN A 35 2.30 0.50 -8.95
N ASP A 36 2.61 1.18 -7.85
CA ASP A 36 1.62 1.93 -7.09
C ASP A 36 1.66 3.39 -7.53
N GLY A 37 0.50 4.03 -7.56
CA GLY A 37 0.49 5.48 -7.74
C GLY A 37 1.16 6.17 -6.57
N ILE A 38 2.17 7.01 -6.81
CA ILE A 38 2.85 7.76 -5.77
C ILE A 38 2.80 9.24 -6.11
N VAL A 39 2.44 10.08 -5.12
CA VAL A 39 2.31 11.52 -5.32
C VAL A 39 2.87 12.29 -4.13
N VAL A 40 3.28 13.54 -4.39
CA VAL A 40 3.77 14.47 -3.37
C VAL A 40 3.02 15.79 -3.51
N ALA A 41 2.69 16.41 -2.38
CA ALA A 41 1.96 17.67 -2.37
C ALA A 41 2.63 18.64 -1.42
N GLU A 42 2.35 19.93 -1.64
CA GLU A 42 2.74 21.00 -0.72
C GLU A 42 1.48 21.77 -0.32
N ARG A 43 1.62 22.60 0.71
CA ARG A 43 0.51 23.42 1.18
C ARG A 43 0.37 24.70 0.35
N GLU A 44 -0.87 25.10 0.08
CA GLU A 44 -1.15 26.40 -0.51
C GLU A 44 -2.51 26.85 0.02
N GLY A 45 -2.50 27.50 1.18
CA GLY A 45 -3.76 27.91 1.78
C GLY A 45 -4.61 26.71 2.15
N LYS A 46 -5.89 26.78 1.79
CA LYS A 46 -6.84 25.70 2.05
C LYS A 46 -6.66 24.51 1.10
N ASP A 47 -5.66 24.54 0.22
CA ASP A 47 -5.44 23.47 -0.75
C ASP A 47 -4.09 22.81 -0.48
N LYS A 48 -3.89 21.66 -1.11
CA LYS A 48 -2.62 20.92 -1.06
C LYS A 48 -2.26 20.48 -2.48
N PRO A 49 -1.83 21.42 -3.33
CA PRO A 49 -1.58 21.08 -4.74
C PRO A 49 -0.50 20.03 -4.90
N LEU A 50 -0.71 19.14 -5.87
CA LEU A 50 0.26 18.11 -6.16
C LEU A 50 1.45 18.72 -6.88
N ILE A 51 2.65 18.34 -6.47
CA ILE A 51 3.86 18.78 -7.15
C ILE A 51 4.64 17.63 -7.77
N TYR A 52 4.25 16.38 -7.50
CA TYR A 52 4.80 15.21 -8.16
C TYR A 52 3.73 14.12 -8.20
N VAL A 53 3.60 13.46 -9.36
CA VAL A 53 2.88 12.19 -9.48
C VAL A 53 3.66 11.35 -10.50
N ASN A 54 3.59 10.03 -10.36
CA ASN A 54 4.29 9.11 -11.24
C ASN A 54 3.35 8.52 -12.28
N PRO A 55 3.89 7.88 -13.32
CA PRO A 55 3.03 7.34 -14.39
C PRO A 55 1.99 6.35 -13.92
N ALA A 56 2.27 5.57 -12.88
CA ALA A 56 1.25 4.67 -12.35
C ALA A 56 0.03 5.43 -11.85
N PHE A 57 0.24 6.64 -11.31
CA PHE A 57 -0.90 7.42 -10.84
C PHE A 57 -1.72 7.96 -12.00
N GLU A 58 -1.04 8.30 -13.10
CA GLU A 58 -1.75 8.70 -14.32
C GLU A 58 -2.53 7.52 -14.91
N ARG A 59 -1.90 6.35 -14.99
CA ARG A 59 -2.59 5.17 -15.47
C ARG A 59 -3.77 4.82 -14.58
N LEU A 60 -3.60 5.03 -13.27
CA LEU A 60 -4.67 4.77 -12.31
C LEU A 60 -5.85 5.68 -12.57
N THR A 61 -5.60 6.96 -12.84
CA THR A 61 -6.67 7.94 -12.97
C THR A 61 -7.06 8.20 -14.40
N GLY A 62 -6.27 7.76 -15.38
CA GLY A 62 -6.54 8.08 -16.77
C GLY A 62 -6.34 9.56 -17.10
N TYR A 63 -6.36 10.41 -16.08
CA TYR A 63 -6.12 11.83 -16.30
C TYR A 63 -4.68 12.06 -16.73
N THR A 64 -4.45 13.18 -17.41
CA THR A 64 -3.13 13.50 -17.88
C THR A 64 -2.37 14.31 -16.84
N LEU A 65 -1.05 14.39 -17.02
CA LEU A 65 -0.20 15.06 -16.03
C LEU A 65 -0.59 16.52 -15.83
N ASP A 66 -0.88 17.25 -16.92
CA ASP A 66 -1.24 18.66 -16.78
C ASP A 66 -2.62 18.84 -16.18
N GLU A 67 -3.49 17.84 -16.29
CA GLU A 67 -4.77 17.91 -15.58
C GLU A 67 -4.60 17.67 -14.09
N ILE A 68 -3.52 17.00 -13.70
CA ILE A 68 -3.28 16.63 -12.32
C ILE A 68 -2.42 17.65 -11.59
N LEU A 69 -1.25 17.95 -12.15
CA LEU A 69 -0.23 18.72 -11.43
C LEU A 69 -0.72 20.11 -11.06
N TYR A 70 -0.38 20.52 -9.84
CA TYR A 70 -0.60 21.86 -9.30
C TYR A 70 -2.04 22.16 -8.98
N GLN A 71 -2.86 21.13 -8.79
CA GLN A 71 -4.17 21.30 -8.19
C GLN A 71 -4.35 20.26 -7.09
N ASP A 72 -5.32 20.53 -6.23
CA ASP A 72 -5.59 19.64 -5.11
C ASP A 72 -6.19 18.33 -5.61
N CYS A 73 -5.78 17.22 -5.01
N CYS A 73 -5.78 17.22 -4.99
CA CYS A 73 -6.22 15.92 -5.51
CA CYS A 73 -6.20 15.89 -5.41
C CYS A 73 -7.68 15.63 -5.20
C CYS A 73 -7.70 15.69 -5.33
N ARG A 74 -8.44 16.59 -4.65
CA ARG A 74 -9.88 16.40 -4.48
C ARG A 74 -10.63 16.35 -5.80
N PHE A 75 -10.01 16.76 -6.91
CA PHE A 75 -10.74 16.72 -8.17
C PHE A 75 -11.11 15.29 -8.55
N LEU A 76 -10.29 14.31 -8.16
CA LEU A 76 -10.59 12.90 -8.42
C LEU A 76 -11.94 12.48 -7.84
N GLN A 77 -12.43 13.18 -6.82
CA GLN A 77 -13.75 12.92 -6.28
CA GLN A 77 -13.75 12.92 -6.28
C GLN A 77 -14.85 13.35 -7.24
N SER A 78 -14.51 14.13 -8.27
CA SER A 78 -15.43 14.59 -9.31
C SER A 78 -16.74 15.12 -8.72
N GLY A 79 -16.63 15.85 -7.62
CA GLY A 79 -17.78 16.37 -6.94
C GLY A 79 -18.42 15.41 -5.94
N ASP A 80 -18.07 14.12 -5.98
CA ASP A 80 -18.54 13.18 -4.97
C ASP A 80 -17.92 13.61 -3.65
N ARG A 81 -18.40 14.72 -3.12
CA ARG A 81 -17.82 15.33 -1.93
C ARG A 81 -18.44 14.81 -0.65
N ASP A 82 -19.53 14.05 -0.75
N ASP A 82 -19.50 14.00 -0.71
CA ASP A 82 -20.18 13.48 0.42
CA ASP A 82 -20.19 13.58 0.51
C ASP A 82 -19.72 12.04 0.61
C ASP A 82 -19.73 12.20 1.00
N GLN A 83 -18.42 11.91 0.89
CA GLN A 83 -17.81 10.64 1.26
CA GLN A 83 -17.81 10.64 1.26
C GLN A 83 -17.31 10.70 2.69
N PRO A 84 -17.70 9.77 3.56
CA PRO A 84 -17.32 9.87 4.98
C PRO A 84 -15.81 9.87 5.25
N ALA A 85 -15.03 9.10 4.49
CA ALA A 85 -13.58 9.04 4.76
C ALA A 85 -12.90 10.40 4.69
N LEU A 86 -13.54 11.40 4.07
CA LEU A 86 -12.91 12.71 3.89
C LEU A 86 -12.54 13.36 5.21
N MET A 87 -13.39 13.20 6.23
CA MET A 87 -13.09 13.83 7.50
C MET A 87 -11.85 13.24 8.15
N ALA A 88 -11.68 11.92 8.05
CA ALA A 88 -10.49 11.28 8.61
C ALA A 88 -9.23 11.75 7.89
N ILE A 89 -9.33 11.93 6.57
CA ILE A 89 -8.18 12.36 5.80
C ILE A 89 -7.79 13.78 6.15
N ARG A 90 -8.78 14.68 6.28
N ARG A 90 -8.78 14.68 6.28
CA ARG A 90 -8.49 16.06 6.67
CA ARG A 90 -8.51 16.06 6.67
C ARG A 90 -7.81 16.12 8.03
C ARG A 90 -7.82 16.12 8.03
N GLU A 91 -8.27 15.30 8.98
CA GLU A 91 -7.71 15.35 10.32
C GLU A 91 -6.25 14.94 10.35
N THR A 92 -5.88 13.92 9.56
CA THR A 92 -4.50 13.47 9.49
C THR A 92 -3.61 14.53 8.86
N LEU A 93 -4.08 15.13 7.76
CA LEU A 93 -3.22 16.05 7.02
C LEU A 93 -3.08 17.38 7.72
N GLU A 94 -4.07 17.79 8.51
CA GLU A 94 -3.97 19.05 9.25
C GLU A 94 -3.24 18.89 10.58
N SER A 95 -3.40 17.75 11.26
CA SER A 95 -2.75 17.53 12.53
C SER A 95 -1.40 16.85 12.42
N GLY A 96 -1.04 16.36 11.24
CA GLY A 96 0.17 15.59 11.08
C GLY A 96 -0.07 14.14 11.44
N GLY A 97 0.67 13.24 10.81
CA GLY A 97 0.54 11.83 11.08
C GLY A 97 0.29 11.07 9.81
N ALA A 98 -0.25 9.86 9.96
CA ALA A 98 -0.38 8.93 8.86
C ALA A 98 -1.76 8.29 8.88
N CYS A 99 -2.26 7.93 7.70
CA CYS A 99 -3.56 7.28 7.60
C CYS A 99 -3.63 6.42 6.35
N ARG A 100 -4.61 5.51 6.35
CA ARG A 100 -4.93 4.68 5.18
C ARG A 100 -6.45 4.66 5.05
N GLU A 101 -6.98 5.33 4.02
CA GLU A 101 -8.40 5.60 3.88
C GLU A 101 -8.84 5.41 2.43
N ILE A 102 -10.08 4.93 2.26
CA ILE A 102 -10.60 4.51 0.95
C ILE A 102 -11.64 5.54 0.47
N LEU A 103 -11.50 6.00 -0.78
CA LEU A 103 -12.47 6.91 -1.39
C LEU A 103 -12.90 6.41 -2.77
N ARG A 104 -14.08 6.86 -3.22
CA ARG A 104 -14.48 6.63 -4.61
C ARG A 104 -13.89 7.74 -5.49
N ASN A 105 -13.27 7.34 -6.62
CA ASN A 105 -12.62 8.27 -7.54
C ASN A 105 -13.02 7.92 -8.98
N TYR A 106 -12.88 8.89 -9.89
CA TYR A 106 -13.36 8.74 -11.26
C TYR A 106 -12.22 9.01 -12.23
N ARG A 107 -12.08 8.12 -13.20
CA ARG A 107 -11.03 8.22 -14.20
C ARG A 107 -11.37 9.29 -15.24
N LYS A 108 -10.41 9.56 -16.15
CA LYS A 108 -10.66 10.52 -17.21
C LYS A 108 -11.81 10.09 -18.11
N ASP A 109 -12.02 8.79 -18.28
CA ASP A 109 -13.08 8.29 -19.15
C ASP A 109 -14.41 8.10 -18.42
N GLY A 110 -14.58 8.66 -17.23
CA GLY A 110 -15.83 8.59 -16.49
C GLY A 110 -15.99 7.38 -15.57
N SER A 111 -15.24 6.31 -15.78
CA SER A 111 -15.43 5.14 -14.93
C SER A 111 -15.00 5.45 -13.50
N HIS A 112 -15.50 4.66 -12.56
CA HIS A 112 -15.24 4.84 -11.14
C HIS A 112 -14.41 3.67 -10.62
N PHE A 113 -13.82 3.86 -9.43
CA PHE A 113 -13.06 2.82 -8.74
C PHE A 113 -12.86 3.22 -7.29
N TRP A 114 -12.56 2.22 -6.45
CA TRP A 114 -12.23 2.43 -5.04
C TRP A 114 -10.73 2.69 -4.90
N ASN A 115 -10.37 3.88 -4.42
CA ASN A 115 -8.98 4.31 -4.25
C ASN A 115 -8.60 4.24 -2.77
N GLU A 116 -7.52 3.51 -2.45
CA GLU A 116 -7.01 3.46 -1.09
C GLU A 116 -5.84 4.43 -0.98
N LEU A 117 -5.98 5.43 -0.11
CA LEU A 117 -4.98 6.48 0.05
CA LEU A 117 -4.99 6.50 0.06
C LEU A 117 -4.15 6.20 1.30
N SER A 118 -2.85 5.97 1.11
CA SER A 118 -1.95 5.73 2.23
C SER A 118 -1.09 7.00 2.33
N LEU A 119 -1.39 7.84 3.34
CA LEU A 119 -0.88 9.21 3.38
C LEU A 119 -0.02 9.46 4.61
N SER A 120 0.97 10.35 4.47
CA SER A 120 1.67 10.85 5.64
C SER A 120 2.17 12.28 5.37
N THR A 121 2.47 12.98 6.45
CA THR A 121 3.00 14.34 6.40
C THR A 121 4.47 14.33 6.78
N VAL A 122 5.27 15.21 6.18
CA VAL A 122 6.68 15.31 6.54
C VAL A 122 7.11 16.77 6.54
N TYR A 123 7.67 17.21 7.67
CA TYR A 123 8.20 18.55 7.82
C TYR A 123 9.60 18.61 7.22
N ASN A 124 9.87 19.67 6.48
CA ASN A 124 11.16 19.87 5.83
C ASN A 124 11.93 20.94 6.58
N GLU A 125 12.97 20.53 7.31
CA GLU A 125 13.76 21.48 8.09
C GLU A 125 14.43 22.54 7.23
N ALA A 126 14.71 22.21 5.96
CA ALA A 126 15.38 23.16 5.08
C ALA A 126 14.54 24.42 4.88
N ASP A 127 13.32 24.28 4.35
CA ASP A 127 12.49 25.42 4.00
C ASP A 127 11.37 25.70 5.00
N LYS A 128 11.29 24.93 6.09
CA LYS A 128 10.28 25.07 7.13
C LYS A 128 8.86 24.77 6.64
N GLN A 129 8.71 24.08 5.51
CA GLN A 129 7.40 23.72 4.98
C GLN A 129 7.04 22.27 5.31
N THR A 130 5.74 22.00 5.35
CA THR A 130 5.24 20.63 5.49
C THR A 130 4.83 20.12 4.11
N TYR A 131 5.34 18.95 3.76
CA TYR A 131 4.93 18.25 2.54
C TYR A 131 4.09 17.03 2.90
N PHE A 132 3.45 16.46 1.89
CA PHE A 132 2.59 15.30 2.06
C PHE A 132 2.94 14.27 1.00
N VAL A 133 3.00 12.99 1.38
CA VAL A 133 3.28 11.93 0.43
C VAL A 133 2.14 10.90 0.46
N GLY A 134 1.74 10.46 -0.73
CA GLY A 134 0.63 9.52 -0.87
C GLY A 134 0.95 8.38 -1.80
N VAL A 135 0.52 7.17 -1.40
CA VAL A 135 0.59 5.96 -2.21
C VAL A 135 -0.83 5.49 -2.46
N GLN A 136 -1.19 5.29 -3.74
CA GLN A 136 -2.58 5.02 -4.12
C GLN A 136 -2.66 3.77 -4.97
N LYS A 137 -3.80 3.07 -4.87
CA LYS A 137 -4.03 1.84 -5.64
C LYS A 137 -5.52 1.53 -5.67
N ASP A 138 -5.92 0.77 -6.70
CA ASP A 138 -7.30 0.36 -6.90
C ASP A 138 -7.60 -0.85 -6.02
N VAL A 139 -8.47 -0.67 -5.04
CA VAL A 139 -8.86 -1.74 -4.12
C VAL A 139 -10.34 -2.10 -4.28
N THR A 140 -10.85 -1.96 -5.51
CA THR A 140 -12.27 -2.23 -5.75
C THR A 140 -12.65 -3.64 -5.34
N LEU A 141 -11.85 -4.64 -5.72
CA LEU A 141 -12.21 -6.02 -5.41
C LEU A 141 -12.27 -6.26 -3.90
N GLN A 142 -11.34 -5.68 -3.15
CA GLN A 142 -11.29 -5.88 -1.71
C GLN A 142 -12.47 -5.21 -1.01
N VAL A 143 -12.89 -4.04 -1.51
CA VAL A 143 -14.03 -3.34 -0.90
C VAL A 143 -15.31 -4.10 -1.16
N LYS A 144 -15.47 -4.63 -2.38
CA LYS A 144 -16.66 -5.42 -2.68
C LYS A 144 -16.76 -6.64 -1.78
N ALA A 145 -15.63 -7.27 -1.46
CA ALA A 145 -15.65 -8.40 -0.53
C ALA A 145 -16.11 -7.96 0.85
N GLN A 146 -15.58 -6.83 1.35
CA GLN A 146 -16.00 -6.33 2.66
C GLN A 146 -17.48 -5.98 2.66
N GLN A 147 -17.97 -5.41 1.56
CA GLN A 147 -19.40 -5.16 1.41
C GLN A 147 -20.20 -6.46 1.47
N ARG A 148 -19.62 -7.56 0.98
CA ARG A 148 -20.33 -8.84 0.96
C ARG A 148 -20.45 -9.43 2.37
N VAL A 149 -19.39 -9.33 3.18
CA VAL A 149 -19.48 -9.81 4.56
C VAL A 149 -20.56 -9.06 5.32
N GLY A 150 -20.62 -7.75 5.13
CA GLY A 150 -21.56 -6.95 5.90
C GLY A 150 -23.01 -7.28 5.59
N GLN A 151 -23.34 -7.45 4.30
CA GLN A 151 -24.71 -7.83 3.95
C GLN A 151 -25.00 -9.27 4.34
N LEU A 152 -23.99 -10.15 4.31
CA LEU A 152 -24.22 -11.53 4.71
C LEU A 152 -24.59 -11.64 6.17
N GLU A 153 -23.99 -10.82 7.04
CA GLU A 153 -24.33 -10.88 8.45
C GLU A 153 -25.70 -10.29 8.72
N ALA A 154 -26.04 -9.18 8.04
CA ALA A 154 -27.36 -8.60 8.20
C ALA A 154 -28.45 -9.60 7.81
N GLU A 155 -28.19 -10.42 6.79
CA GLU A 155 -29.18 -11.40 6.36
C GLU A 155 -29.17 -12.64 7.24
N LEU A 156 -28.00 -13.00 7.77
CA LEU A 156 -27.94 -14.12 8.71
C LEU A 156 -28.73 -13.83 9.97
N ASN A 157 -28.76 -12.56 10.40
CA ASN A 157 -29.47 -12.22 11.62
C ASN A 157 -30.98 -12.21 11.42
N GLN A 158 -31.45 -11.81 10.24
CA GLN A 158 -32.88 -11.94 9.93
C GLN A 158 -33.33 -13.40 10.04
N VAL A 159 -32.61 -14.30 9.38
CA VAL A 159 -33.00 -15.71 9.38
C VAL A 159 -32.91 -16.29 10.79
N LYS A 160 -31.83 -15.99 11.51
CA LYS A 160 -31.69 -16.48 12.87
C LYS A 160 -32.84 -16.01 13.76
N ALA A 161 -33.17 -14.71 13.68
CA ALA A 161 -34.23 -14.17 14.52
C ALA A 161 -35.59 -14.78 14.15
N GLU A 162 -35.86 -14.93 12.85
CA GLU A 162 -37.10 -15.58 12.46
C GLU A 162 -37.14 -17.04 12.90
N LEU A 163 -35.98 -17.71 12.90
CA LEU A 163 -35.92 -19.07 13.42
C LEU A 163 -36.16 -19.11 14.92
N ALA A 164 -35.56 -18.18 15.66
CA ALA A 164 -35.74 -18.15 17.11
C ALA A 164 -37.17 -17.79 17.50
N ALA A 165 -37.84 -16.96 16.69
CA ALA A 165 -39.21 -16.58 17.01
C ALA A 165 -40.19 -17.70 16.71
N LEU A 166 -40.03 -18.38 15.57
CA LEU A 166 -40.91 -19.49 15.25
C LEU A 166 -40.77 -20.62 16.27
N LYS A 167 -39.60 -20.76 16.88
CA LYS A 167 -39.41 -21.77 17.92
C LYS A 167 -40.14 -21.37 19.20
N ALA A 168 -39.85 -20.18 19.72
CA ALA A 168 -40.49 -19.71 20.95
C ALA A 168 -41.99 -19.53 20.77
N MET B 21 9.94 17.50 -11.69
CA MET B 21 8.87 17.99 -10.83
C MET B 21 9.42 18.44 -9.47
N ILE B 22 10.22 17.57 -8.84
CA ILE B 22 10.85 17.87 -7.56
C ILE B 22 12.30 17.42 -7.59
N ASN B 23 13.12 18.02 -6.74
CA ASN B 23 14.52 17.63 -6.73
C ASN B 23 14.71 16.35 -5.92
N ALA B 24 15.92 15.78 -6.05
CA ALA B 24 16.21 14.49 -5.44
C ALA B 24 16.25 14.57 -3.93
N LYS B 25 16.64 15.72 -3.38
CA LYS B 25 16.68 15.87 -1.92
C LYS B 25 15.29 15.79 -1.32
N LEU B 26 14.32 16.49 -1.93
CA LEU B 26 12.94 16.42 -1.48
C LEU B 26 12.34 15.03 -1.71
N MET B 27 12.64 14.41 -2.87
CA MET B 27 12.16 13.05 -3.11
C MET B 27 12.63 12.10 -2.02
N GLN B 28 13.91 12.22 -1.61
CA GLN B 28 14.43 11.33 -0.57
C GLN B 28 13.71 11.57 0.75
N LEU B 29 13.48 12.85 1.10
CA LEU B 29 12.79 13.18 2.34
C LEU B 29 11.40 12.53 2.39
N VAL B 30 10.63 12.68 1.30
CA VAL B 30 9.24 12.19 1.38
C VAL B 30 9.14 10.67 1.27
N ILE B 31 10.01 10.00 0.49
CA ILE B 31 9.99 8.53 0.47
C ILE B 31 10.42 7.97 1.81
N ASN B 32 11.42 8.60 2.44
CA ASN B 32 11.84 8.18 3.78
C ASN B 32 10.68 8.25 4.76
N ALA B 33 9.79 9.21 4.58
CA ALA B 33 8.69 9.45 5.53
C ALA B 33 7.36 8.83 5.11
N SER B 34 7.33 8.05 4.04
CA SER B 34 6.07 7.48 3.56
C SER B 34 5.42 6.59 4.63
N ASN B 35 4.09 6.59 4.64
CA ASN B 35 3.36 5.65 5.49
C ASN B 35 3.68 4.21 5.13
N ASP B 36 3.95 3.93 3.85
CA ASP B 36 4.15 2.56 3.41
C ASP B 36 5.60 2.12 3.48
N GLY B 37 5.79 0.83 3.75
CA GLY B 37 7.11 0.24 3.61
C GLY B 37 7.52 0.27 2.16
N ILE B 38 8.66 0.86 1.85
CA ILE B 38 9.16 0.96 0.49
C ILE B 38 10.60 0.48 0.52
N VAL B 39 10.94 -0.42 -0.40
CA VAL B 39 12.31 -0.93 -0.52
C VAL B 39 12.74 -0.85 -1.98
N VAL B 40 14.06 -0.80 -2.17
CA VAL B 40 14.68 -0.88 -3.49
C VAL B 40 15.73 -1.98 -3.45
N ALA B 41 15.75 -2.80 -4.50
CA ALA B 41 16.72 -3.88 -4.64
C ALA B 41 17.50 -3.71 -5.94
N GLU B 42 18.59 -4.46 -6.04
CA GLU B 42 19.38 -4.47 -7.26
C GLU B 42 19.64 -5.91 -7.68
N ARG B 43 19.79 -6.14 -8.97
CA ARG B 43 20.08 -7.48 -9.46
C ARG B 43 21.53 -7.85 -9.15
N GLU B 44 21.71 -9.03 -8.55
CA GLU B 44 23.04 -9.56 -8.20
C GLU B 44 22.99 -11.08 -8.37
N GLY B 45 23.06 -11.54 -9.62
CA GLY B 45 23.00 -12.96 -9.93
C GLY B 45 21.67 -13.60 -9.62
N LYS B 46 21.68 -14.64 -8.79
CA LYS B 46 20.47 -15.31 -8.36
C LYS B 46 19.73 -14.58 -7.26
N ASP B 47 20.25 -13.43 -6.82
CA ASP B 47 19.67 -12.66 -5.74
C ASP B 47 19.31 -11.25 -6.19
N LYS B 48 18.48 -10.60 -5.38
CA LYS B 48 18.11 -9.20 -5.56
C LYS B 48 18.27 -8.50 -4.21
N PRO B 49 19.51 -8.24 -3.79
CA PRO B 49 19.72 -7.70 -2.44
C PRO B 49 19.09 -6.33 -2.26
N LEU B 50 18.56 -6.11 -1.06
CA LEU B 50 17.98 -4.81 -0.74
C LEU B 50 19.06 -3.75 -0.55
N ILE B 51 18.90 -2.61 -1.19
CA ILE B 51 19.86 -1.52 -1.06
C ILE B 51 19.28 -0.29 -0.37
N TYR B 52 17.98 -0.29 -0.08
CA TYR B 52 17.32 0.81 0.59
C TYR B 52 16.05 0.24 1.20
N VAL B 53 15.76 0.63 2.45
CA VAL B 53 14.42 0.50 3.03
C VAL B 53 14.15 1.73 3.88
N ASN B 54 12.88 2.11 4.00
CA ASN B 54 12.51 3.25 4.82
C ASN B 54 12.07 2.81 6.20
N PRO B 55 11.89 3.74 7.15
CA PRO B 55 11.52 3.34 8.51
C PRO B 55 10.18 2.61 8.59
N ALA B 56 9.22 2.91 7.71
CA ALA B 56 7.96 2.16 7.77
C ALA B 56 8.18 0.67 7.51
N PHE B 57 9.16 0.31 6.66
CA PHE B 57 9.43 -1.10 6.44
C PHE B 57 10.04 -1.75 7.66
N GLU B 58 10.88 -1.01 8.39
CA GLU B 58 11.40 -1.49 9.67
C GLU B 58 10.26 -1.75 10.65
N ARG B 59 9.26 -0.88 10.65
CA ARG B 59 8.14 -1.07 11.58
C ARG B 59 7.26 -2.24 11.17
N LEU B 60 7.05 -2.42 9.86
CA LEU B 60 6.25 -3.53 9.35
C LEU B 60 6.89 -4.89 9.68
N THR B 61 8.22 -5.01 9.57
CA THR B 61 8.89 -6.30 9.72
C THR B 61 9.47 -6.54 11.10
N GLY B 62 9.70 -5.49 11.88
CA GLY B 62 10.36 -5.60 13.16
C GLY B 62 11.87 -5.76 13.09
N TYR B 63 12.45 -5.73 11.89
CA TYR B 63 13.90 -5.80 11.72
C TYR B 63 14.46 -4.39 11.57
N THR B 64 15.74 -4.23 11.92
CA THR B 64 16.38 -2.94 11.75
C THR B 64 17.08 -2.83 10.40
N LEU B 65 17.42 -1.59 10.04
CA LEU B 65 18.14 -1.32 8.79
C LEU B 65 19.41 -2.17 8.66
N ASP B 66 20.15 -2.32 9.76
CA ASP B 66 21.37 -3.12 9.68
C ASP B 66 21.07 -4.61 9.55
N GLU B 67 19.92 -5.06 10.06
CA GLU B 67 19.54 -6.47 9.91
C GLU B 67 19.04 -6.76 8.51
N ILE B 68 18.46 -5.76 7.84
CA ILE B 68 17.79 -5.96 6.57
C ILE B 68 18.73 -5.76 5.39
N LEU B 69 19.58 -4.74 5.43
CA LEU B 69 20.23 -4.28 4.21
C LEU B 69 21.17 -5.34 3.65
N TYR B 70 21.21 -5.39 2.32
CA TYR B 70 22.14 -6.14 1.49
C TYR B 70 21.82 -7.62 1.41
N GLN B 71 20.71 -8.08 1.97
CA GLN B 71 20.30 -9.45 1.69
C GLN B 71 19.00 -9.45 0.89
N ASP B 72 18.74 -10.58 0.26
CA ASP B 72 17.51 -10.76 -0.49
C ASP B 72 16.32 -10.77 0.45
N CYS B 73 15.22 -10.15 0.03
N CYS B 73 15.23 -10.15 0.00
CA CYS B 73 14.09 -10.00 0.94
CA CYS B 73 14.02 -9.98 0.80
C CYS B 73 13.40 -11.32 1.26
C CYS B 73 13.40 -11.31 1.23
N ARG B 74 13.80 -12.43 0.63
CA ARG B 74 13.19 -13.72 0.94
C ARG B 74 13.38 -14.17 2.38
N PHE B 75 14.28 -13.53 3.15
CA PHE B 75 14.41 -13.91 4.56
C PHE B 75 13.11 -13.70 5.34
N LEU B 76 12.22 -12.81 4.88
CA LEU B 76 10.96 -12.63 5.58
C LEU B 76 10.03 -13.85 5.47
N GLN B 77 10.31 -14.79 4.55
CA GLN B 77 9.52 -16.01 4.48
C GLN B 77 9.90 -17.01 5.56
N SER B 78 11.05 -16.85 6.21
CA SER B 78 11.57 -17.78 7.22
C SER B 78 11.44 -19.23 6.76
N GLY B 79 11.82 -19.48 5.51
CA GLY B 79 11.82 -20.84 4.99
C GLY B 79 10.46 -21.41 4.68
N ASP B 80 9.43 -20.56 4.59
CA ASP B 80 8.07 -20.96 4.21
C ASP B 80 7.96 -20.77 2.71
N ARG B 81 8.24 -21.85 1.95
CA ARG B 81 8.52 -21.74 0.52
C ARG B 81 7.50 -22.39 -0.41
N ASP B 82 6.51 -23.12 0.10
CA ASP B 82 5.42 -23.62 -0.73
C ASP B 82 4.30 -22.58 -0.78
N GLN B 83 4.60 -21.47 -1.47
CA GLN B 83 3.67 -20.34 -1.59
C GLN B 83 3.51 -20.04 -3.07
N PRO B 84 2.27 -20.06 -3.60
CA PRO B 84 2.10 -19.89 -5.05
C PRO B 84 2.54 -18.54 -5.60
N ALA B 85 2.55 -17.47 -4.80
CA ALA B 85 2.98 -16.18 -5.34
C ALA B 85 4.46 -16.16 -5.71
N LEU B 86 5.26 -17.11 -5.19
CA LEU B 86 6.68 -17.08 -5.48
C LEU B 86 6.95 -17.28 -6.97
N MET B 87 6.25 -18.24 -7.59
CA MET B 87 6.42 -18.44 -9.03
C MET B 87 6.07 -17.18 -9.81
N ALA B 88 4.99 -16.49 -9.39
CA ALA B 88 4.56 -15.30 -10.11
C ALA B 88 5.58 -14.17 -9.96
N ILE B 89 6.13 -13.99 -8.76
CA ILE B 89 7.14 -12.96 -8.54
C ILE B 89 8.37 -13.20 -9.41
N ARG B 90 8.88 -14.44 -9.41
CA ARG B 90 10.06 -14.76 -10.22
C ARG B 90 9.82 -14.49 -11.70
N GLU B 91 8.70 -14.99 -12.25
CA GLU B 91 8.44 -14.82 -13.67
C GLU B 91 8.32 -13.35 -14.05
N THR B 92 7.63 -12.57 -13.22
CA THR B 92 7.45 -11.14 -13.50
C THR B 92 8.78 -10.41 -13.53
N LEU B 93 9.57 -10.52 -12.45
CA LEU B 93 10.79 -9.75 -12.34
C LEU B 93 11.82 -10.15 -13.40
N GLU B 94 11.89 -11.45 -13.71
CA GLU B 94 12.87 -11.89 -14.70
C GLU B 94 12.56 -11.38 -16.11
N SER B 95 11.31 -11.00 -16.38
CA SER B 95 10.95 -10.43 -17.67
C SER B 95 10.68 -8.93 -17.59
N GLY B 96 11.00 -8.30 -16.47
CA GLY B 96 10.96 -6.85 -16.40
C GLY B 96 9.59 -6.26 -16.20
N GLY B 97 8.66 -7.02 -15.65
CA GLY B 97 7.31 -6.57 -15.43
C GLY B 97 7.06 -6.07 -14.03
N ALA B 98 5.77 -5.99 -13.69
CA ALA B 98 5.31 -5.55 -12.39
C ALA B 98 4.24 -6.53 -11.92
N CYS B 99 4.10 -6.68 -10.61
CA CYS B 99 3.12 -7.61 -10.09
C CYS B 99 2.65 -7.16 -8.71
N ARG B 100 1.52 -7.72 -8.28
CA ARG B 100 0.98 -7.47 -6.94
CA ARG B 100 0.96 -7.47 -6.96
C ARG B 100 0.54 -8.82 -6.38
N GLU B 101 1.30 -9.32 -5.39
CA GLU B 101 1.12 -10.68 -4.90
C GLU B 101 1.15 -10.68 -3.38
N ILE B 102 0.59 -11.74 -2.79
CA ILE B 102 0.40 -11.86 -1.35
C ILE B 102 1.07 -13.14 -0.88
N LEU B 103 1.84 -13.06 0.20
CA LEU B 103 2.40 -14.28 0.78
C LEU B 103 2.53 -14.15 2.30
N ARG B 104 2.74 -15.29 2.94
CA ARG B 104 2.99 -15.34 4.38
C ARG B 104 4.41 -14.90 4.69
N ASN B 105 4.56 -13.93 5.59
CA ASN B 105 5.84 -13.42 6.06
C ASN B 105 5.86 -13.48 7.58
N TYR B 106 7.06 -13.34 8.15
CA TYR B 106 7.25 -13.47 9.60
C TYR B 106 8.10 -12.31 10.10
N ARG B 107 7.59 -11.60 11.11
CA ARG B 107 8.36 -10.54 11.74
C ARG B 107 9.56 -11.12 12.48
N LYS B 108 10.42 -10.22 12.98
CA LYS B 108 11.59 -10.65 13.73
C LYS B 108 11.20 -11.48 14.95
N ASP B 109 10.07 -11.14 15.58
CA ASP B 109 9.63 -11.91 16.74
C ASP B 109 8.89 -13.21 16.38
N GLY B 110 8.84 -13.57 15.09
CA GLY B 110 8.24 -14.83 14.67
C GLY B 110 6.76 -14.77 14.36
N SER B 111 6.09 -13.63 14.61
CA SER B 111 4.67 -13.55 14.37
C SER B 111 4.38 -13.49 12.87
N HIS B 112 3.33 -14.18 12.45
CA HIS B 112 2.96 -14.29 11.05
C HIS B 112 2.10 -13.10 10.64
N PHE B 113 2.24 -12.71 9.36
CA PHE B 113 1.30 -11.78 8.76
C PHE B 113 1.28 -12.02 7.25
N TRP B 114 0.15 -11.69 6.64
CA TRP B 114 0.05 -11.69 5.18
C TRP B 114 0.58 -10.37 4.65
N ASN B 115 1.59 -10.43 3.78
CA ASN B 115 2.23 -9.27 3.21
C ASN B 115 1.84 -9.17 1.74
N GLU B 116 1.34 -8.01 1.34
CA GLU B 116 1.06 -7.73 -0.06
C GLU B 116 2.23 -6.98 -0.67
N LEU B 117 2.86 -7.57 -1.69
CA LEU B 117 4.04 -7.04 -2.37
C LEU B 117 3.64 -6.42 -3.70
N SER B 118 3.86 -5.12 -3.87
CA SER B 118 3.61 -4.41 -5.14
CA SER B 118 3.61 -4.44 -5.14
C SER B 118 4.98 -4.10 -5.72
N LEU B 119 5.39 -4.86 -6.73
CA LEU B 119 6.77 -4.86 -7.20
C LEU B 119 6.86 -4.39 -8.65
N SER B 120 8.00 -3.78 -9.00
CA SER B 120 8.24 -3.37 -10.39
C SER B 120 9.73 -3.37 -10.68
N THR B 121 10.06 -3.57 -11.96
CA THR B 121 11.43 -3.63 -12.47
C THR B 121 11.77 -2.39 -13.27
N VAL B 122 13.04 -1.95 -13.19
CA VAL B 122 13.49 -0.85 -14.06
C VAL B 122 14.99 -0.94 -14.30
N TYR B 123 15.38 -0.81 -15.57
CA TYR B 123 16.78 -0.80 -15.96
C TYR B 123 17.31 0.62 -15.90
N ASN B 124 18.54 0.78 -15.42
CA ASN B 124 19.16 2.10 -15.28
C ASN B 124 20.18 2.25 -16.39
N GLU B 125 19.85 3.03 -17.41
CA GLU B 125 20.78 3.20 -18.54
C GLU B 125 22.08 3.82 -18.10
N ALA B 126 22.11 4.55 -16.99
CA ALA B 126 23.33 5.23 -16.58
C ALA B 126 24.40 4.23 -16.16
N ASP B 127 24.06 3.26 -15.30
CA ASP B 127 25.06 2.33 -14.79
C ASP B 127 24.92 0.91 -15.31
N LYS B 128 23.95 0.67 -16.20
CA LYS B 128 23.69 -0.63 -16.83
C LYS B 128 23.32 -1.71 -15.82
N GLN B 129 22.65 -1.33 -14.74
CA GLN B 129 22.19 -2.26 -13.72
C GLN B 129 20.67 -2.28 -13.74
N THR B 130 20.11 -3.41 -13.29
CA THR B 130 18.66 -3.59 -13.16
C THR B 130 18.26 -3.43 -11.68
N TYR B 131 17.23 -2.61 -11.43
CA TYR B 131 16.74 -2.35 -10.09
C TYR B 131 15.28 -2.77 -9.96
N PHE B 132 14.88 -2.95 -8.71
CA PHE B 132 13.51 -3.34 -8.40
C PHE B 132 13.02 -2.46 -7.25
N VAL B 133 11.74 -2.09 -7.30
CA VAL B 133 11.14 -1.27 -6.25
C VAL B 133 9.90 -2.00 -5.75
N GLY B 134 9.74 -2.04 -4.44
CA GLY B 134 8.62 -2.71 -3.82
C GLY B 134 7.94 -1.82 -2.79
N VAL B 135 6.61 -1.94 -2.73
CA VAL B 135 5.80 -1.36 -1.67
C VAL B 135 5.13 -2.55 -0.98
N GLN B 136 5.19 -2.57 0.35
CA GLN B 136 4.69 -3.69 1.13
C GLN B 136 3.71 -3.21 2.21
N LYS B 137 2.66 -3.99 2.44
CA LYS B 137 1.71 -3.63 3.48
C LYS B 137 1.07 -4.89 4.06
N ASP B 138 0.61 -4.77 5.30
CA ASP B 138 -0.02 -5.89 6.01
C ASP B 138 -1.46 -6.01 5.53
N VAL B 139 -1.82 -7.15 4.95
CA VAL B 139 -3.21 -7.39 4.54
C VAL B 139 -3.81 -8.57 5.29
N THR B 140 -3.30 -8.85 6.50
CA THR B 140 -3.79 -9.98 7.31
C THR B 140 -5.26 -9.84 7.62
N LEU B 141 -5.67 -8.68 8.12
CA LEU B 141 -7.06 -8.49 8.51
C LEU B 141 -7.99 -8.63 7.31
N GLN B 142 -7.50 -8.23 6.13
CA GLN B 142 -8.29 -8.28 4.90
C GLN B 142 -8.39 -9.70 4.35
N VAL B 143 -7.29 -10.47 4.39
CA VAL B 143 -7.35 -11.86 3.93
C VAL B 143 -8.24 -12.69 4.85
N LYS B 144 -8.14 -12.48 6.17
CA LYS B 144 -8.98 -13.20 7.11
C LYS B 144 -10.43 -12.71 7.06
N ALA B 145 -10.64 -11.43 6.74
CA ALA B 145 -12.01 -10.95 6.57
C ALA B 145 -12.62 -11.49 5.28
N GLN B 146 -11.81 -11.65 4.23
CA GLN B 146 -12.32 -12.23 3.00
C GLN B 146 -12.71 -13.70 3.20
N GLN B 147 -11.92 -14.45 3.96
CA GLN B 147 -12.23 -15.85 4.19
C GLN B 147 -13.58 -16.03 4.88
N ARG B 148 -14.14 -14.96 5.45
CA ARG B 148 -15.44 -15.08 6.10
C ARG B 148 -16.59 -15.23 5.10
N VAL B 149 -16.43 -14.70 3.87
CA VAL B 149 -17.54 -14.70 2.91
C VAL B 149 -18.04 -16.12 2.67
N GLY B 150 -17.13 -17.06 2.38
CA GLY B 150 -17.55 -18.43 2.17
C GLY B 150 -18.12 -19.07 3.42
N GLN B 151 -17.51 -18.77 4.58
CA GLN B 151 -18.00 -19.36 5.83
C GLN B 151 -19.41 -18.86 6.15
N LEU B 152 -19.68 -17.57 5.91
CA LEU B 152 -21.00 -17.04 6.20
C LEU B 152 -22.05 -17.61 5.25
N GLU B 153 -21.69 -17.77 3.97
CA GLU B 153 -22.66 -18.27 2.99
C GLU B 153 -23.09 -19.70 3.31
N ALA B 154 -22.19 -20.50 3.86
CA ALA B 154 -22.54 -21.86 4.22
C ALA B 154 -23.39 -21.90 5.48
N GLU B 155 -23.09 -21.04 6.46
CA GLU B 155 -23.91 -20.97 7.66
C GLU B 155 -25.29 -20.40 7.35
N LEU B 156 -25.36 -19.40 6.46
CA LEU B 156 -26.65 -18.85 6.09
C LEU B 156 -27.53 -19.90 5.44
N ASN B 157 -26.94 -20.80 4.64
CA ASN B 157 -27.72 -21.88 4.06
C ASN B 157 -28.21 -22.85 5.13
N GLN B 158 -27.38 -23.08 6.17
CA GLN B 158 -27.75 -24.05 7.20
C GLN B 158 -28.90 -23.54 8.06
N VAL B 159 -28.89 -22.25 8.40
CA VAL B 159 -29.97 -21.73 9.23
C VAL B 159 -31.25 -21.58 8.42
N LYS B 160 -31.14 -21.23 7.14
CA LYS B 160 -32.32 -21.15 6.29
C LYS B 160 -33.01 -22.51 6.17
N ALA B 161 -32.23 -23.59 6.06
CA ALA B 161 -32.83 -24.92 5.95
C ALA B 161 -33.46 -25.36 7.26
N GLU B 162 -32.90 -24.95 8.40
CA GLU B 162 -33.53 -25.27 9.67
C GLU B 162 -34.86 -24.53 9.82
N LEU B 163 -34.95 -23.32 9.29
CA LEU B 163 -36.23 -22.60 9.32
C LEU B 163 -37.24 -23.24 8.38
N ALA B 164 -36.80 -23.66 7.18
CA ALA B 164 -37.71 -24.29 6.23
C ALA B 164 -38.27 -25.59 6.78
N ALA B 165 -37.47 -26.33 7.56
CA ALA B 165 -37.99 -27.55 8.16
C ALA B 165 -38.90 -27.26 9.34
N LEU B 166 -38.60 -26.20 10.10
CA LEU B 166 -39.43 -25.88 11.25
C LEU B 166 -40.76 -25.25 10.84
N LYS B 167 -40.74 -24.39 9.81
CA LYS B 167 -42.00 -23.77 9.38
C LYS B 167 -42.93 -24.80 8.74
N ALA B 168 -42.36 -25.85 8.13
CA ALA B 168 -43.19 -26.95 7.66
C ALA B 168 -43.87 -27.68 8.82
N THR B 169 -43.22 -27.71 9.99
CA THR B 169 -43.86 -28.22 11.20
C THR B 169 -44.75 -27.17 11.86
N SER B 170 -44.36 -25.91 11.76
CA SER B 170 -45.17 -24.77 12.20
C SER B 170 -45.53 -24.86 13.68
#